data_4DES
#
_entry.id   4DES
#
_cell.length_a   42.476
_cell.length_b   83.286
_cell.length_c   62.540
_cell.angle_alpha   90.000
_cell.angle_beta   90.000
_cell.angle_gamma   90.000
#
_symmetry.space_group_name_H-M   'P 21 21 2'
#
loop_
_entity.id
_entity.type
_entity.pdbx_description
1 polymer Transthyretin
2 non-polymer chrysin
3 water water
#
_entity_poly.entity_id   1
_entity_poly.type   'polypeptide(L)'
_entity_poly.pdbx_seq_one_letter_code
;CPLMVKVLDAVRGSPAINVAVHVFRKAADDTWEPFASGKTSESGELHGLTTEEEFVEGIYKVEIDTKSYWKALGISPFHE
HAEVVFTANDSGPRRYTIAALLSPYSYSTTAVVTNP
;
_entity_poly.pdbx_strand_id   A,B
#
# COMPACT_ATOMS: atom_id res chain seq x y z
N CYS A 1 0.17 4.12 23.59
CA CYS A 1 -0.91 3.62 22.68
C CYS A 1 -0.37 2.79 21.50
N PRO A 2 -1.15 1.80 21.05
CA PRO A 2 -0.57 0.72 20.28
C PRO A 2 -0.45 0.91 18.77
N LEU A 3 -0.90 2.04 18.25
CA LEU A 3 -0.84 2.24 16.81
C LEU A 3 -0.46 3.68 16.53
N MET A 4 0.68 3.83 15.89
CA MET A 4 1.15 5.14 15.54
C MET A 4 1.46 5.11 14.06
N VAL A 5 1.17 6.20 13.39
CA VAL A 5 1.42 6.29 11.97
C VAL A 5 2.37 7.45 11.84
N LYS A 6 3.47 7.20 11.12
N LYS A 6 3.45 7.23 11.11
CA LYS A 6 4.46 8.25 10.90
CA LYS A 6 4.41 8.26 10.89
C LYS A 6 4.62 8.39 9.41
C LYS A 6 4.58 8.41 9.40
N VAL A 7 4.59 9.62 8.92
CA VAL A 7 4.67 9.83 7.49
C VAL A 7 5.78 10.81 7.22
N LEU A 8 6.67 10.43 6.33
CA LEU A 8 7.79 11.24 5.96
C LEU A 8 7.72 11.58 4.49
N ASP A 9 8.24 12.74 4.18
CA ASP A 9 8.22 13.24 2.84
C ASP A 9 9.64 13.06 2.32
N ALA A 10 9.79 12.18 1.32
CA ALA A 10 11.09 11.90 0.74
C ALA A 10 11.60 12.98 -0.25
N VAL A 11 10.75 13.93 -0.63
CA VAL A 11 11.15 15.01 -1.54
C VAL A 11 11.78 16.11 -0.72
N ARG A 12 11.11 16.45 0.37
CA ARG A 12 11.48 17.55 1.24
CA ARG A 12 11.59 17.56 1.15
C ARG A 12 12.44 17.12 2.34
N GLY A 13 12.47 15.82 2.64
CA GLY A 13 13.24 15.35 3.76
C GLY A 13 12.67 15.87 5.05
N SER A 14 11.37 15.67 5.20
CA SER A 14 10.71 16.27 6.30
C SER A 14 9.62 15.33 6.71
N PRO A 15 9.11 15.51 7.93
CA PRO A 15 7.84 14.88 8.21
C PRO A 15 6.81 15.35 7.21
N ALA A 16 5.84 14.50 6.96
CA ALA A 16 4.74 14.84 6.11
C ALA A 16 3.65 15.23 7.07
N ILE A 17 3.39 16.53 7.11
CA ILE A 17 2.51 17.11 8.10
C ILE A 17 1.11 17.19 7.54
N ASN A 18 0.13 17.12 8.45
CA ASN A 18 -1.27 17.28 8.09
CA ASN A 18 -1.28 17.27 8.10
C ASN A 18 -1.72 16.24 7.08
N VAL A 19 -1.16 15.04 7.17
CA VAL A 19 -1.58 13.97 6.30
C VAL A 19 -2.73 13.24 6.96
N ALA A 20 -3.83 13.15 6.24
CA ALA A 20 -5.00 12.45 6.74
C ALA A 20 -4.71 10.95 6.71
N VAL A 21 -5.13 10.29 7.77
CA VAL A 21 -4.89 8.87 7.92
C VAL A 21 -6.19 8.29 8.40
N HIS A 22 -6.68 7.30 7.69
CA HIS A 22 -7.89 6.63 8.09
C HIS A 22 -7.57 5.20 8.34
N VAL A 23 -8.03 4.73 9.49
CA VAL A 23 -7.77 3.38 9.89
C VAL A 23 -9.10 2.65 9.84
N PHE A 24 -9.07 1.46 9.29
CA PHE A 24 -10.25 0.66 9.16
C PHE A 24 -9.92 -0.67 9.75
N ARG A 25 -10.95 -1.37 10.19
CA ARG A 25 -10.73 -2.69 10.71
C ARG A 25 -11.70 -3.60 10.01
N LYS A 26 -11.21 -4.73 9.54
CA LYS A 26 -12.03 -5.66 8.82
C LYS A 26 -13.04 -6.24 9.79
N ALA A 27 -14.30 -6.10 9.43
CA ALA A 27 -15.40 -6.61 10.24
C ALA A 27 -15.57 -8.10 10.03
N ALA A 28 -16.40 -8.72 10.88
CA ALA A 28 -16.72 -10.14 10.76
C ALA A 28 -17.33 -10.46 9.39
N ASP A 29 -18.12 -9.53 8.86
CA ASP A 29 -18.74 -9.66 7.54
C ASP A 29 -17.79 -9.34 6.39
N ASP A 30 -16.50 -9.20 6.72
N ASP A 30 -16.49 -9.20 6.68
CA ASP A 30 -15.41 -8.96 5.76
CA ASP A 30 -15.45 -9.01 5.66
C ASP A 30 -15.44 -7.62 5.04
C ASP A 30 -15.41 -7.59 5.05
N THR A 31 -16.13 -6.65 5.65
CA THR A 31 -16.10 -5.26 5.17
C THR A 31 -15.16 -4.41 6.05
N TRP A 32 -14.73 -3.28 5.51
CA TRP A 32 -13.85 -2.34 6.23
C TRP A 32 -14.60 -1.36 7.10
N GLU A 33 -14.67 -1.62 8.39
CA GLU A 33 -15.33 -0.68 9.28
C GLU A 33 -14.37 0.43 9.67
N PRO A 34 -14.86 1.67 9.66
CA PRO A 34 -14.05 2.79 10.13
C PRO A 34 -13.61 2.59 11.57
N PHE A 35 -12.31 2.65 11.79
CA PHE A 35 -11.76 2.39 13.08
C PHE A 35 -11.25 3.61 13.80
N ALA A 36 -10.52 4.43 13.08
CA ALA A 36 -9.97 5.65 13.64
C ALA A 36 -9.45 6.48 12.50
N SER A 37 -9.27 7.76 12.74
CA SER A 37 -8.63 8.58 11.74
C SER A 37 -8.00 9.72 12.46
N GLY A 38 -7.16 10.43 11.72
CA GLY A 38 -6.51 11.59 12.27
C GLY A 38 -5.62 12.15 11.19
N LYS A 39 -4.87 13.15 11.55
CA LYS A 39 -3.86 13.63 10.64
C LYS A 39 -2.56 13.73 11.33
N THR A 40 -1.50 13.63 10.56
CA THR A 40 -0.21 13.71 11.13
C THR A 40 0.07 15.11 11.62
N SER A 41 0.86 15.16 12.67
CA SER A 41 1.23 16.39 13.33
C SER A 41 2.42 16.99 12.58
N GLU A 42 2.97 18.05 13.14
CA GLU A 42 4.20 18.66 12.64
C GLU A 42 5.38 17.72 12.60
N SER A 43 5.33 16.66 13.41
CA SER A 43 6.40 15.70 13.46
C SER A 43 6.13 14.56 12.48
N GLY A 44 5.02 14.68 11.75
CA GLY A 44 4.60 13.68 10.77
C GLY A 44 4.07 12.46 11.46
N GLU A 45 3.74 12.61 12.73
CA GLU A 45 3.25 11.48 13.51
C GLU A 45 1.79 11.65 13.83
N LEU A 46 1.13 10.53 13.92
CA LEU A 46 -0.25 10.51 14.30
C LEU A 46 -0.34 9.51 15.43
N HIS A 47 -0.63 10.04 16.59
CA HIS A 47 -0.70 9.30 17.82
C HIS A 47 -2.13 9.31 18.24
N GLY A 48 -2.46 8.42 19.18
CA GLY A 48 -3.73 8.49 19.84
C GLY A 48 -4.85 7.95 19.00
N LEU A 49 -4.52 7.21 17.94
CA LEU A 49 -5.56 6.65 17.07
C LEU A 49 -6.45 5.67 17.82
N THR A 50 -5.85 4.93 18.74
CA THR A 50 -6.58 3.88 19.41
C THR A 50 -5.99 3.62 20.76
N THR A 51 -6.52 2.62 21.45
CA THR A 51 -6.09 2.29 22.77
C THR A 51 -5.86 0.80 22.78
N GLU A 52 -5.11 0.35 23.77
CA GLU A 52 -4.88 -1.07 23.97
C GLU A 52 -6.19 -1.85 23.98
N GLU A 53 -7.23 -1.28 24.61
CA GLU A 53 -8.50 -1.98 24.77
C GLU A 53 -9.21 -2.10 23.44
N GLU A 54 -9.16 -1.04 22.64
N GLU A 54 -9.16 -1.05 22.66
CA GLU A 54 -9.94 -1.02 21.42
CA GLU A 54 -9.93 -1.03 21.43
C GLU A 54 -9.22 -1.74 20.29
C GLU A 54 -9.23 -1.78 20.32
N PHE A 55 -7.89 -1.71 20.34
CA PHE A 55 -7.06 -2.26 19.28
C PHE A 55 -6.92 -3.75 19.41
N VAL A 56 -8.02 -4.44 19.18
CA VAL A 56 -8.01 -5.87 19.35
C VAL A 56 -7.39 -6.52 18.11
N GLU A 57 -7.20 -7.82 18.17
CA GLU A 57 -6.85 -8.57 16.98
C GLU A 57 -7.76 -8.21 15.86
N GLY A 58 -7.20 -8.06 14.66
CA GLY A 58 -8.03 -7.94 13.51
C GLY A 58 -7.14 -7.61 12.35
N ILE A 59 -7.76 -7.43 11.20
CA ILE A 59 -7.02 -6.96 10.03
C ILE A 59 -7.38 -5.51 9.97
N TYR A 60 -6.34 -4.70 9.96
CA TYR A 60 -6.50 -3.27 9.94
C TYR A 60 -5.98 -2.73 8.64
N LYS A 61 -6.60 -1.65 8.19
N LYS A 61 -6.60 -1.65 8.19
CA LYS A 61 -6.12 -0.95 7.01
CA LYS A 61 -6.13 -0.94 7.02
C LYS A 61 -5.87 0.48 7.43
C LYS A 61 -5.86 0.48 7.45
N VAL A 62 -4.64 0.93 7.20
CA VAL A 62 -4.28 2.29 7.46
C VAL A 62 -4.18 2.89 6.07
N GLU A 63 -5.01 3.88 5.80
CA GLU A 63 -5.00 4.48 4.50
C GLU A 63 -4.53 5.88 4.70
N ILE A 64 -3.42 6.18 4.07
CA ILE A 64 -2.77 7.45 4.29
C ILE A 64 -3.06 8.27 3.08
N ASP A 65 -3.63 9.44 3.29
CA ASP A 65 -4.06 10.24 2.15
C ASP A 65 -2.88 11.01 1.60
N THR A 66 -2.07 10.29 0.85
CA THR A 66 -0.87 10.85 0.29
C THR A 66 -1.21 11.74 -0.88
N LYS A 67 -2.32 11.45 -1.57
CA LYS A 67 -2.67 12.25 -2.70
C LYS A 67 -2.94 13.69 -2.28
N SER A 68 -3.74 13.89 -1.23
CA SER A 68 -4.05 15.25 -0.79
C SER A 68 -2.81 15.95 -0.35
N TYR A 69 -1.94 15.19 0.30
CA TYR A 69 -0.67 15.72 0.72
C TYR A 69 0.12 16.29 -0.46
N TRP A 70 0.32 15.47 -1.48
CA TRP A 70 1.07 15.97 -2.63
C TRP A 70 0.36 17.08 -3.35
N LYS A 71 -0.95 16.91 -3.51
CA LYS A 71 -1.74 17.92 -4.21
C LYS A 71 -1.63 19.29 -3.55
N ALA A 72 -1.63 19.32 -2.22
CA ALA A 72 -1.47 20.56 -1.46
C ALA A 72 -0.10 21.18 -1.74
N LEU A 73 0.86 20.36 -2.14
CA LEU A 73 2.20 20.86 -2.46
C LEU A 73 2.35 21.13 -3.95
N GLY A 74 1.24 21.07 -4.66
CA GLY A 74 1.20 21.35 -6.10
C GLY A 74 1.56 20.15 -6.96
N ILE A 75 1.73 19.00 -6.32
CA ILE A 75 2.17 17.81 -7.02
C ILE A 75 0.99 16.91 -7.33
N SER A 76 0.93 16.41 -8.56
CA SER A 76 -0.05 15.40 -8.90
C SER A 76 0.64 14.05 -8.75
N PRO A 77 0.38 13.35 -7.63
CA PRO A 77 1.17 12.16 -7.35
C PRO A 77 0.57 10.96 -8.03
N PHE A 78 1.26 9.84 -7.97
CA PHE A 78 0.77 8.70 -8.67
C PHE A 78 -0.35 8.06 -7.88
N HIS A 79 -0.08 7.88 -6.59
CA HIS A 79 -0.98 7.06 -5.77
C HIS A 79 -2.14 7.84 -5.23
N GLU A 80 -3.26 7.16 -5.12
CA GLU A 80 -4.42 7.76 -4.47
C GLU A 80 -4.15 7.90 -2.97
N HIS A 81 -3.44 6.93 -2.43
CA HIS A 81 -3.09 6.91 -1.03
C HIS A 81 -2.06 5.83 -0.84
N ALA A 82 -1.53 5.74 0.38
CA ALA A 82 -0.70 4.63 0.76
C ALA A 82 -1.59 3.85 1.73
N GLU A 83 -1.81 2.58 1.43
CA GLU A 83 -2.74 1.75 2.19
C GLU A 83 -1.94 0.66 2.84
N VAL A 84 -1.99 0.55 4.17
CA VAL A 84 -1.20 -0.45 4.84
C VAL A 84 -2.19 -1.38 5.48
N VAL A 85 -2.17 -2.64 5.09
CA VAL A 85 -3.18 -3.58 5.55
C VAL A 85 -2.47 -4.69 6.24
N PHE A 86 -2.87 -4.96 7.46
CA PHE A 86 -2.11 -5.90 8.26
C PHE A 86 -2.97 -6.50 9.32
N THR A 87 -2.58 -7.70 9.69
CA THR A 87 -3.19 -8.34 10.83
C THR A 87 -2.46 -7.82 12.04
N ALA A 88 -3.22 -7.38 13.02
CA ALA A 88 -2.62 -6.84 14.23
C ALA A 88 -2.94 -7.76 15.41
N ASN A 89 -1.97 -7.86 16.32
CA ASN A 89 -2.14 -8.46 17.63
C ASN A 89 -2.44 -9.94 17.63
N ASP A 90 -2.12 -10.62 16.54
CA ASP A 90 -2.53 -11.99 16.45
C ASP A 90 -1.75 -12.90 17.40
N SER A 91 -0.55 -12.45 17.80
CA SER A 91 0.24 -13.15 18.80
C SER A 91 0.23 -12.37 20.12
N GLY A 92 -0.89 -11.71 20.40
CA GLY A 92 -1.00 -10.83 21.55
C GLY A 92 -0.79 -9.37 21.17
N PRO A 93 -1.04 -8.45 22.11
CA PRO A 93 -0.92 -7.04 21.79
C PRO A 93 0.51 -6.63 21.46
N ARG A 94 0.62 -5.78 20.43
CA ARG A 94 1.87 -5.18 20.04
C ARG A 94 1.63 -3.70 19.82
N ARG A 95 2.72 -2.95 19.77
CA ARG A 95 2.68 -1.53 19.45
C ARG A 95 3.19 -1.44 18.02
N TYR A 96 2.40 -0.83 17.15
CA TYR A 96 2.70 -0.79 15.74
C TYR A 96 2.99 0.60 15.40
N THR A 97 4.13 0.81 14.75
CA THR A 97 4.37 2.08 14.12
C THR A 97 4.34 1.77 12.67
N ILE A 98 3.46 2.45 11.97
CA ILE A 98 3.36 2.31 10.55
C ILE A 98 3.98 3.57 10.02
N ALA A 99 5.11 3.41 9.36
CA ALA A 99 5.84 4.53 8.82
C ALA A 99 5.66 4.49 7.32
N ALA A 100 5.36 5.63 6.74
CA ALA A 100 5.29 5.72 5.31
C ALA A 100 6.23 6.80 4.89
N LEU A 101 6.97 6.50 3.83
CA LEU A 101 7.89 7.43 3.26
C LEU A 101 7.37 7.73 1.87
N LEU A 102 7.06 8.99 1.63
CA LEU A 102 6.29 9.36 0.47
C LEU A 102 7.14 10.06 -0.52
N SER A 103 6.95 9.66 -1.77
CA SER A 103 7.46 10.41 -2.90
C SER A 103 6.30 10.47 -3.88
N PRO A 104 6.35 11.43 -4.80
CA PRO A 104 5.16 11.55 -5.63
C PRO A 104 4.76 10.30 -6.38
N TYR A 105 5.73 9.51 -6.84
CA TYR A 105 5.41 8.30 -7.55
C TYR A 105 5.83 7.06 -6.82
N SER A 106 6.09 7.17 -5.54
CA SER A 106 6.56 6.01 -4.83
C SER A 106 6.24 6.21 -3.39
N TYR A 107 5.92 5.13 -2.71
CA TYR A 107 5.98 5.23 -1.30
C TYR A 107 6.46 3.92 -0.76
N SER A 108 6.99 3.98 0.43
N SER A 108 6.99 4.00 0.44
CA SER A 108 7.35 2.76 1.10
CA SER A 108 7.44 2.85 1.16
C SER A 108 6.65 2.84 2.43
C SER A 108 6.66 2.86 2.45
N THR A 109 6.34 1.68 2.97
CA THR A 109 5.74 1.62 4.26
C THR A 109 6.44 0.54 4.98
N THR A 110 6.59 0.77 6.28
N THR A 110 6.71 0.80 6.26
CA THR A 110 7.32 -0.14 7.10
CA THR A 110 7.36 -0.19 7.08
C THR A 110 6.52 -0.23 8.36
C THR A 110 6.60 -0.22 8.37
N ALA A 111 6.62 -1.37 9.03
CA ALA A 111 6.00 -1.49 10.33
C ALA A 111 7.12 -1.80 11.28
N VAL A 112 7.15 -1.06 12.37
CA VAL A 112 8.01 -1.38 13.46
C VAL A 112 7.05 -1.84 14.50
N VAL A 113 7.23 -3.08 14.90
CA VAL A 113 6.28 -3.74 15.75
C VAL A 113 7.04 -4.12 16.99
N THR A 114 6.57 -3.63 18.11
CA THR A 114 7.29 -3.89 19.35
C THR A 114 6.32 -4.41 20.40
N ASN A 115 6.88 -4.96 21.47
CA ASN A 115 6.06 -5.37 22.60
C ASN A 115 5.61 -4.23 23.50
N PRO A 116 4.41 -4.37 24.09
CA PRO A 116 3.87 -3.43 25.08
C PRO A 116 4.71 -3.37 26.37
N CYS B 1 1.05 -3.81 -23.57
CA CYS B 1 0.14 -3.64 -22.39
C CYS B 1 0.49 -2.34 -21.67
N PRO B 2 -0.54 -1.59 -21.27
CA PRO B 2 -0.29 -0.33 -20.60
C PRO B 2 0.07 -0.51 -19.14
N LEU B 3 -0.09 -1.73 -18.62
CA LEU B 3 0.13 -1.96 -17.19
C LEU B 3 1.02 -3.17 -16.99
N MET B 4 2.09 -2.98 -16.24
CA MET B 4 2.94 -4.09 -15.90
C MET B 4 3.20 -3.98 -14.43
N VAL B 5 3.31 -5.13 -13.78
CA VAL B 5 3.57 -5.16 -12.36
C VAL B 5 4.85 -5.92 -12.20
N LYS B 6 5.74 -5.37 -11.43
N LYS B 6 5.73 -5.38 -11.42
CA LYS B 6 7.01 -6.00 -11.22
CA LYS B 6 7.00 -6.00 -11.22
C LYS B 6 7.24 -6.08 -9.73
C LYS B 6 7.24 -6.08 -9.73
N VAL B 7 7.65 -7.23 -9.24
CA VAL B 7 7.77 -7.42 -7.82
C VAL B 7 9.13 -7.99 -7.55
N LEU B 8 9.82 -7.38 -6.61
N LEU B 8 9.82 -7.38 -6.61
CA LEU B 8 11.13 -7.76 -6.23
CA LEU B 8 11.13 -7.76 -6.23
C LEU B 8 11.16 -8.16 -4.77
C LEU B 8 11.16 -8.15 -4.77
N ASP B 9 12.06 -9.04 -4.43
CA ASP B 9 12.17 -9.57 -3.10
C ASP B 9 13.46 -9.02 -2.52
N ALA B 10 13.31 -8.14 -1.55
CA ALA B 10 14.42 -7.47 -0.89
C ALA B 10 15.16 -8.35 0.13
N VAL B 11 14.59 -9.49 0.47
CA VAL B 11 15.26 -10.42 1.37
C VAL B 11 16.19 -11.33 0.58
N ARG B 12 15.69 -11.84 -0.54
CA ARG B 12 16.47 -12.78 -1.34
C ARG B 12 17.24 -12.08 -2.44
N GLY B 13 16.91 -10.83 -2.71
CA GLY B 13 17.56 -10.10 -3.81
C GLY B 13 17.23 -10.73 -5.13
N SER B 14 15.95 -10.89 -5.36
CA SER B 14 15.51 -11.64 -6.51
C SER B 14 14.19 -11.09 -6.94
N PRO B 15 13.81 -11.38 -8.20
CA PRO B 15 12.42 -11.17 -8.55
C PRO B 15 11.58 -11.92 -7.54
N ALA B 16 10.40 -11.39 -7.25
CA ALA B 16 9.47 -12.12 -6.40
C ALA B 16 8.60 -12.85 -7.38
N ILE B 17 8.78 -14.17 -7.42
N ILE B 17 8.79 -14.17 -7.46
CA ILE B 17 8.18 -15.02 -8.43
CA ILE B 17 8.13 -14.94 -8.50
C ILE B 17 6.90 -15.60 -7.89
C ILE B 17 6.93 -15.64 -7.92
N ASN B 18 5.94 -15.84 -8.78
CA ASN B 18 4.67 -16.49 -8.41
CA ASN B 18 4.69 -16.48 -8.40
C ASN B 18 3.89 -15.68 -7.39
N VAL B 19 4.01 -14.38 -7.48
CA VAL B 19 3.26 -13.54 -6.58
C VAL B 19 1.96 -13.23 -7.26
N ALA B 20 0.87 -13.49 -6.54
CA ALA B 20 -0.45 -13.21 -7.06
C ALA B 20 -0.63 -11.72 -7.03
N VAL B 21 -1.15 -11.21 -8.14
CA VAL B 21 -1.45 -9.81 -8.26
C VAL B 21 -2.84 -9.71 -8.79
N HIS B 22 -3.66 -8.91 -8.13
CA HIS B 22 -4.99 -8.66 -8.62
C HIS B 22 -5.14 -7.19 -8.90
N VAL B 23 -5.75 -6.88 -10.03
CA VAL B 23 -5.99 -5.51 -10.36
C VAL B 23 -7.47 -5.33 -10.33
N PHE B 24 -7.88 -4.18 -9.82
CA PHE B 24 -9.27 -3.83 -9.64
C PHE B 24 -9.44 -2.46 -10.21
N ARG B 25 -10.63 -2.20 -10.72
N ARG B 25 -10.62 -2.20 -10.75
CA ARG B 25 -11.00 -0.87 -11.14
CA ARG B 25 -10.98 -0.85 -11.14
C ARG B 25 -12.12 -0.43 -10.23
C ARG B 25 -12.12 -0.43 -10.25
N LYS B 26 -12.02 0.79 -9.73
CA LYS B 26 -13.04 1.33 -8.88
C LYS B 26 -14.29 1.51 -9.73
N ALA B 27 -15.40 0.95 -9.26
CA ALA B 27 -16.69 1.10 -9.93
C ALA B 27 -17.37 2.39 -9.50
N ALA B 28 -18.46 2.73 -10.20
CA ALA B 28 -19.23 3.93 -9.91
C ALA B 28 -19.70 3.96 -8.46
N ASP B 29 -19.99 2.80 -7.89
CA ASP B 29 -20.44 2.73 -6.50
C ASP B 29 -19.29 2.66 -5.49
N ASP B 30 -18.08 2.99 -5.95
CA ASP B 30 -16.87 3.03 -5.10
C ASP B 30 -16.40 1.65 -4.62
N THR B 31 -16.95 0.58 -5.19
CA THR B 31 -16.46 -0.76 -4.93
C THR B 31 -15.34 -1.12 -5.88
N TRP B 32 -14.53 -2.10 -5.49
CA TRP B 32 -13.49 -2.57 -6.37
C TRP B 32 -13.98 -3.71 -7.19
N GLU B 33 -13.89 -3.54 -8.47
CA GLU B 33 -14.24 -4.57 -9.37
C GLU B 33 -12.98 -5.20 -9.87
N PRO B 34 -12.95 -6.50 -9.78
CA PRO B 34 -11.83 -7.27 -10.30
C PRO B 34 -11.73 -7.02 -11.73
N PHE B 35 -10.54 -6.85 -12.17
CA PHE B 35 -10.28 -6.41 -13.52
C PHE B 35 -9.32 -7.37 -14.20
N ALA B 36 -8.31 -7.74 -13.48
CA ALA B 36 -7.32 -8.61 -14.01
C ALA B 36 -6.47 -9.19 -12.91
N SER B 37 -5.74 -10.23 -13.20
CA SER B 37 -4.86 -10.75 -12.19
C SER B 37 -3.89 -11.67 -12.85
N GLY B 38 -2.88 -12.07 -12.11
CA GLY B 38 -1.92 -12.99 -12.62
C GLY B 38 -0.95 -13.26 -11.51
N LYS B 39 0.09 -14.00 -11.85
CA LYS B 39 1.16 -14.26 -10.94
C LYS B 39 2.40 -13.75 -11.62
N THR B 40 3.30 -13.20 -10.83
CA THR B 40 4.52 -12.72 -11.43
C THR B 40 5.33 -13.87 -11.95
N SER B 41 6.07 -13.57 -13.01
CA SER B 41 6.87 -14.53 -13.70
C SER B 41 8.15 -14.79 -12.95
N GLU B 42 8.98 -15.64 -13.54
CA GLU B 42 10.33 -15.88 -13.07
C GLU B 42 11.12 -14.59 -12.91
N SER B 43 10.75 -13.57 -13.67
CA SER B 43 11.45 -12.31 -13.63
C SER B 43 10.74 -11.35 -12.69
N GLY B 44 9.74 -11.86 -11.96
CA GLY B 44 8.97 -11.08 -11.01
C GLY B 44 8.03 -10.12 -11.70
N GLU B 45 7.77 -10.36 -12.98
CA GLU B 45 6.99 -9.45 -13.78
C GLU B 45 5.67 -10.08 -14.12
N LEU B 46 4.68 -9.23 -14.24
CA LEU B 46 3.37 -9.63 -14.67
C LEU B 46 2.95 -8.70 -15.78
N HIS B 47 2.92 -9.26 -16.98
CA HIS B 47 2.59 -8.56 -18.20
C HIS B 47 1.22 -8.99 -18.65
N GLY B 48 0.64 -8.25 -19.59
CA GLY B 48 -0.58 -8.67 -20.25
C GLY B 48 -1.81 -8.62 -19.39
N LEU B 49 -1.77 -7.85 -18.30
CA LEU B 49 -2.93 -7.73 -17.42
C LEU B 49 -4.11 -7.08 -18.11
N THR B 50 -3.82 -6.12 -18.97
CA THR B 50 -4.86 -5.40 -19.66
C THR B 50 -4.37 -4.94 -21.02
N THR B 51 -5.23 -4.21 -21.72
CA THR B 51 -4.92 -3.73 -23.04
C THR B 51 -5.18 -2.26 -23.02
N GLU B 52 -4.62 -1.56 -23.99
CA GLU B 52 -4.77 -0.11 -24.08
C GLU B 52 -6.25 0.25 -24.13
N GLU B 53 -7.02 -0.54 -24.87
CA GLU B 53 -8.45 -0.28 -25.07
C GLU B 53 -9.19 -0.38 -23.77
N GLU B 54 -8.88 -1.42 -23.00
CA GLU B 54 -9.63 -1.74 -21.80
C GLU B 54 -9.21 -0.85 -20.63
N PHE B 55 -7.96 -0.40 -20.68
CA PHE B 55 -7.38 0.27 -19.54
C PHE B 55 -7.67 1.75 -19.62
N VAL B 56 -8.95 2.07 -19.47
CA VAL B 56 -9.41 3.43 -19.57
C VAL B 56 -9.09 4.15 -18.27
N GLU B 57 -9.21 5.46 -18.30
CA GLU B 57 -9.08 6.28 -17.12
C GLU B 57 -10.00 5.76 -16.04
N GLY B 58 -9.48 5.74 -14.82
CA GLY B 58 -10.24 5.30 -13.70
C GLY B 58 -9.26 5.12 -12.58
N ILE B 59 -9.77 4.73 -11.44
CA ILE B 59 -8.93 4.45 -10.30
C ILE B 59 -8.76 2.96 -10.29
N TYR B 60 -7.49 2.53 -10.25
CA TYR B 60 -7.16 1.13 -10.23
C TYR B 60 -6.46 0.79 -8.96
N LYS B 61 -6.67 -0.45 -8.54
CA LYS B 61 -5.98 -0.94 -7.39
C LYS B 61 -5.26 -2.18 -7.86
N VAL B 62 -3.99 -2.21 -7.53
CA VAL B 62 -3.17 -3.37 -7.77
C VAL B 62 -2.90 -3.96 -6.41
N GLU B 63 -3.34 -5.19 -6.23
CA GLU B 63 -3.20 -5.83 -4.94
C GLU B 63 -2.21 -6.92 -5.11
N ILE B 64 -1.10 -6.80 -4.41
CA ILE B 64 -0.05 -7.76 -4.56
C ILE B 64 -0.07 -8.64 -3.36
N ASP B 65 -0.23 -9.93 -3.59
CA ASP B 65 -0.36 -10.82 -2.48
C ASP B 65 0.99 -11.15 -1.88
N THR B 66 1.48 -10.19 -1.11
CA THR B 66 2.78 -10.30 -0.52
C THR B 66 2.76 -11.33 0.60
N LYS B 67 1.64 -11.41 1.32
CA LYS B 67 1.56 -12.31 2.43
C LYS B 67 1.78 -13.75 2.00
N SER B 68 1.11 -14.18 0.92
CA SER B 68 1.27 -15.55 0.41
C SER B 68 2.70 -15.79 0.00
N TYR B 69 3.31 -14.76 -0.57
CA TYR B 69 4.71 -14.86 -0.98
C TYR B 69 5.59 -15.15 0.22
N TRP B 70 5.47 -14.34 1.26
CA TRP B 70 6.28 -14.51 2.43
C TRP B 70 5.95 -15.83 3.10
N LYS B 71 4.67 -16.18 3.15
CA LYS B 71 4.29 -17.47 3.70
C LYS B 71 4.99 -18.60 2.96
N ALA B 72 5.03 -18.52 1.63
CA ALA B 72 5.71 -19.55 0.84
C ALA B 72 7.20 -19.63 1.18
N LEU B 73 7.79 -18.51 1.59
CA LEU B 73 9.20 -18.47 1.92
C LEU B 73 9.47 -18.78 3.38
N GLY B 74 8.41 -19.00 4.16
CA GLY B 74 8.56 -19.30 5.58
C GLY B 74 9.00 -18.13 6.40
N ILE B 75 8.61 -16.94 5.95
CA ILE B 75 9.01 -15.72 6.62
C ILE B 75 7.74 -14.99 7.01
N SER B 76 7.68 -14.59 8.27
CA SER B 76 6.47 -13.98 8.82
C SER B 76 6.37 -12.62 8.18
N PRO B 77 5.25 -12.37 7.50
CA PRO B 77 5.14 -11.03 6.94
C PRO B 77 4.26 -10.15 7.78
N PHE B 78 4.38 -8.86 7.59
CA PHE B 78 3.52 -7.94 8.31
C PHE B 78 2.23 -7.72 7.57
N HIS B 79 2.36 -7.40 6.28
CA HIS B 79 1.21 -6.93 5.53
C HIS B 79 0.37 -8.06 5.02
N GLU B 80 -0.92 -7.82 4.94
CA GLU B 80 -1.81 -8.73 4.26
C GLU B 80 -1.48 -8.77 2.78
N HIS B 81 -1.16 -7.62 2.21
CA HIS B 81 -0.80 -7.50 0.81
C HIS B 81 -0.23 -6.12 0.65
N ALA B 82 0.20 -5.82 -0.56
CA ALA B 82 0.55 -4.47 -0.92
C ALA B 82 -0.53 -4.05 -1.91
N GLU B 83 -1.20 -2.94 -1.62
CA GLU B 83 -2.25 -2.39 -2.47
C GLU B 83 -1.74 -1.11 -3.06
N VAL B 84 -1.67 -1.04 -4.39
CA VAL B 84 -1.25 0.18 -5.03
C VAL B 84 -2.49 0.75 -5.69
N VAL B 85 -2.88 1.96 -5.29
CA VAL B 85 -4.10 2.51 -5.80
C VAL B 85 -3.77 3.79 -6.52
N PHE B 86 -4.21 3.90 -7.76
CA PHE B 86 -3.78 5.04 -8.54
C PHE B 86 -4.84 5.34 -9.55
N THR B 87 -4.81 6.58 -10.02
CA THR B 87 -5.67 6.98 -11.09
C THR B 87 -4.87 6.86 -12.39
N ALA B 88 -5.42 6.11 -13.33
CA ALA B 88 -4.83 5.99 -14.65
C ALA B 88 -5.35 7.15 -15.45
N ASN B 89 -4.45 7.96 -16.00
CA ASN B 89 -4.90 9.19 -16.67
C ASN B 89 -4.35 9.30 -18.05
N ASP B 90 -5.27 9.60 -18.95
CA ASP B 90 -4.95 9.55 -20.35
C ASP B 90 -3.92 10.54 -20.86
N SER B 91 -3.05 9.99 -21.68
CA SER B 91 -2.81 8.53 -21.65
C SER B 91 -1.33 8.47 -21.80
N GLY B 92 -0.77 9.67 -21.62
CA GLY B 92 0.63 9.94 -21.49
C GLY B 92 0.87 10.44 -20.09
N PRO B 93 1.84 9.83 -19.40
CA PRO B 93 2.45 8.69 -20.08
C PRO B 93 1.57 7.43 -20.12
N ARG B 94 1.80 6.63 -21.17
CA ARG B 94 0.92 5.53 -21.55
C ARG B 94 1.06 4.32 -20.64
N ARG B 95 2.30 3.90 -20.48
CA ARG B 95 2.62 2.64 -19.81
C ARG B 95 2.97 2.80 -18.35
N TYR B 96 2.33 1.97 -17.54
CA TYR B 96 2.54 1.97 -16.11
C TYR B 96 3.29 0.71 -15.75
N THR B 97 4.43 0.88 -15.10
CA THR B 97 5.04 -0.23 -14.42
C THR B 97 4.86 0.06 -12.96
N ILE B 98 4.21 -0.86 -12.28
CA ILE B 98 4.02 -0.76 -10.87
C ILE B 98 5.05 -1.70 -10.32
N ALA B 99 6.09 -1.16 -9.71
CA ALA B 99 7.10 -2.01 -9.14
C ALA B 99 6.95 -2.00 -7.64
N ALA B 100 7.04 -3.18 -7.05
CA ALA B 100 6.95 -3.30 -5.63
C ALA B 100 8.16 -4.02 -5.16
N LEU B 101 8.79 -3.47 -4.15
CA LEU B 101 9.94 -4.09 -3.55
C LEU B 101 9.50 -4.56 -2.20
N LEU B 102 9.62 -5.85 -1.99
CA LEU B 102 9.04 -6.48 -0.81
C LEU B 102 10.04 -6.86 0.20
N SER B 103 9.73 -6.47 1.43
CA SER B 103 10.38 -7.02 2.60
C SER B 103 9.27 -7.51 3.50
N PRO B 104 9.59 -8.37 4.46
CA PRO B 104 8.53 -8.94 5.29
C PRO B 104 7.76 -7.89 6.06
N TYR B 105 8.44 -6.85 6.52
CA TYR B 105 7.79 -5.82 7.29
C TYR B 105 7.75 -4.49 6.60
N SER B 106 8.03 -4.50 5.31
CA SER B 106 8.11 -3.24 4.60
C SER B 106 7.90 -3.52 3.14
N TYR B 107 7.22 -2.62 2.47
CA TYR B 107 7.31 -2.65 1.03
C TYR B 107 7.33 -1.27 0.48
N SER B 108 7.86 -1.16 -0.72
N SER B 108 7.83 -1.19 -0.74
CA SER B 108 7.83 0.11 -1.38
CA SER B 108 7.91 0.05 -1.42
C SER B 108 7.23 -0.16 -2.72
C SER B 108 7.25 -0.18 -2.76
N THR B 109 6.45 0.79 -3.20
CA THR B 109 5.92 0.67 -4.51
C THR B 109 6.23 1.94 -5.24
N THR B 110 6.47 1.76 -6.52
N THR B 110 6.69 1.78 -6.47
CA THR B 110 6.87 2.85 -7.35
CA THR B 110 6.89 2.94 -7.33
C THR B 110 6.14 2.69 -8.63
C THR B 110 6.16 2.71 -8.62
N ALA B 111 5.80 3.80 -9.27
CA ALA B 111 5.22 3.73 -10.56
C ALA B 111 6.22 4.34 -11.49
N VAL B 112 6.50 3.61 -12.57
CA VAL B 112 7.33 4.10 -13.65
C VAL B 112 6.36 4.27 -14.79
N VAL B 113 6.10 5.52 -15.11
CA VAL B 113 5.06 5.84 -16.06
C VAL B 113 5.77 6.44 -17.23
N THR B 114 5.67 5.76 -18.38
CA THR B 114 6.46 6.12 -19.55
C THR B 114 5.64 6.14 -20.84
N ASN B 115 6.28 6.65 -21.91
CA ASN B 115 5.73 6.64 -23.28
C ASN B 115 6.58 5.84 -24.26
#